data_5YY2
#
_entry.id   5YY2
#
_cell.length_a   84.582
_cell.length_b   114.858
_cell.length_c   157.750
_cell.angle_alpha   90.00
_cell.angle_beta   90.00
_cell.angle_gamma   90.00
#
_symmetry.space_group_name_H-M   'I 2 2 2'
#
loop_
_entity.id
_entity.type
_entity.pdbx_description
1 polymer 'Uncharacterized protein AsqI'
2 non-polymer 'ZINC ION'
3 water water
#
_entity_poly.entity_id   1
_entity_poly.type   'polypeptide(L)'
_entity_poly.pdbx_seq_one_letter_code
;MGSSHHHHHHMTCTLRDLNSLLEISSVRNDAQCCRCPAHNPSTAFAPTTKVRVSSDVRGIFALPVQKDHKPYNGLSPEHL
ETMKAVSLMLDAAGPKLEDGISKAKELLEERINPELMRDALGIYLTHSKDAQQRKIFPPPLKNHPFFSTKTRRPANVAGE
ICTADTLHGHALLSYWRDDYDLNDSHYYWHMVYRGAGGDNSKNVGDFDRHGEVFLYVHSQMVARYETESLCWSLPLVRPW
NQYDDFLENGYAPISSLIEHYGGYPPFSTWYSIRNPDMPDTLNVTIPRARLEEWRDNIYAAIRKGQFETTSKDKPLVLTR
DNCLNFVGGILDAQYPSLNKLLGGCSLDEERYGNLHNYGLGKFAEMAYRNKPGEKSPYGLTISNFGAPRDPCFWRWYKHL
QYYGRLAATRYPQDITAHRAEVVLSNLVVRLQDRSSPHYLDGHITTFLGPPAVNFMESKAKLGHEPYEWNVQVKSCRRSP
PSKENPQTLTLRLFIAAEDLMNDYHSWIEMDRATVQLTDESAITKVRLDTDSSVARKMGNYGEPDPRYASAVFRHGWPQN
LMLPVGKVEGMPFVAFCIATDDGIPDPAPAPPFHHYHDPRGMGYPFNRAWTQLTEDSTGKASIRTIISNAELYPFITSTT
FKIYRTTKFETKQIIQPTTVTWFNTIRGYFKDADRACMRSEYGYDLYNYDHVMLHADAILDATASKRMPLQMGKYTQDNP
DPEHPLWTVKMCENFRAWLLNGCPKGTDP
;
_entity_poly.pdbx_strand_id   A
#
loop_
_chem_comp.id
_chem_comp.type
_chem_comp.name
_chem_comp.formula
ZN non-polymer 'ZINC ION' 'Zn 2'
#
# COMPACT_ATOMS: atom_id res chain seq x y z
N ARG A 52 18.58 6.84 27.24
CA ARG A 52 18.01 5.91 28.20
C ARG A 52 16.77 5.22 27.62
N VAL A 53 15.87 6.00 27.03
CA VAL A 53 14.60 5.47 26.56
C VAL A 53 14.74 4.80 25.20
N SER A 54 15.44 5.44 24.27
CA SER A 54 15.58 4.87 22.94
C SER A 54 16.49 3.65 23.00
N SER A 55 17.38 3.63 24.00
CA SER A 55 18.24 2.48 24.21
C SER A 55 17.44 1.28 24.71
N ASP A 56 16.60 1.52 25.72
CA ASP A 56 15.70 0.50 26.23
C ASP A 56 14.82 -0.06 25.13
N VAL A 57 14.42 0.80 24.20
CA VAL A 57 13.59 0.37 23.08
C VAL A 57 14.36 -0.56 22.18
N ARG A 58 15.56 -0.15 21.78
CA ARG A 58 16.35 -0.99 20.91
C ARG A 58 16.69 -2.29 21.60
N GLY A 59 16.74 -2.25 22.93
CA GLY A 59 16.98 -3.44 23.72
C GLY A 59 15.84 -4.42 23.56
N ILE A 60 14.62 -3.92 23.73
CA ILE A 60 13.43 -4.77 23.69
C ILE A 60 13.24 -5.39 22.31
N PHE A 61 13.39 -4.59 21.26
CA PHE A 61 13.26 -5.05 19.89
C PHE A 61 14.32 -6.06 19.49
N ALA A 62 15.39 -6.15 20.27
CA ALA A 62 16.49 -7.03 19.91
C ALA A 62 16.33 -8.39 20.57
N LEU A 63 15.32 -8.52 21.42
CA LEU A 63 15.18 -9.73 22.22
C LEU A 63 14.81 -10.90 21.34
N PRO A 64 15.52 -12.02 21.50
CA PRO A 64 15.32 -13.25 20.73
C PRO A 64 14.36 -14.23 21.40
N VAL A 65 13.51 -14.84 20.60
CA VAL A 65 12.61 -15.87 21.10
C VAL A 65 13.42 -17.08 21.55
N GLN A 66 13.11 -17.57 22.75
CA GLN A 66 13.73 -18.77 23.27
C GLN A 66 12.71 -19.88 23.43
N LYS A 67 13.15 -21.02 23.93
CA LYS A 67 12.37 -22.25 23.86
C LYS A 67 11.32 -22.40 24.96
N ASP A 68 11.30 -21.47 25.90
CA ASP A 68 10.27 -21.53 26.93
C ASP A 68 9.12 -20.62 26.57
N HIS A 69 9.35 -19.75 25.60
CA HIS A 69 8.36 -18.75 25.26
C HIS A 69 7.13 -19.37 24.65
N LYS A 70 5.98 -18.88 25.09
CA LYS A 70 4.71 -19.32 24.55
C LYS A 70 4.73 -18.96 23.07
N PRO A 71 4.44 -19.93 22.21
CA PRO A 71 4.53 -19.69 20.77
C PRO A 71 3.59 -18.58 20.32
N TYR A 72 4.06 -17.75 19.38
CA TYR A 72 3.30 -16.60 18.87
C TYR A 72 3.19 -16.66 17.34
N ASN A 73 2.00 -16.35 16.83
CA ASN A 73 1.74 -16.37 15.39
C ASN A 73 1.29 -15.02 14.86
N GLY A 74 2.23 -14.15 14.52
CA GLY A 74 1.91 -12.79 14.16
C GLY A 74 1.02 -12.61 12.95
N LEU A 75 0.57 -13.71 12.38
CA LEU A 75 -0.32 -13.67 11.24
C LEU A 75 -1.66 -14.26 11.60
N SER A 76 -1.80 -14.66 12.86
CA SER A 76 -3.03 -15.27 13.35
C SER A 76 -3.91 -14.27 14.07
N PRO A 77 -5.11 -14.05 13.55
CA PRO A 77 -6.04 -13.05 14.06
C PRO A 77 -6.18 -13.09 15.56
N GLU A 78 -6.28 -14.30 16.10
CA GLU A 78 -6.45 -14.48 17.52
C GLU A 78 -5.21 -13.97 18.23
N HIS A 79 -4.06 -14.36 17.72
CA HIS A 79 -2.80 -13.98 18.29
C HIS A 79 -2.62 -12.49 18.20
N LEU A 80 -3.22 -11.91 17.18
CA LEU A 80 -3.15 -10.49 16.95
C LEU A 80 -4.02 -9.77 17.96
N GLU A 81 -5.17 -10.37 18.27
CA GLU A 81 -6.08 -9.74 19.21
C GLU A 81 -5.42 -9.71 20.56
N THR A 82 -4.69 -10.77 20.86
CA THR A 82 -3.92 -10.87 22.08
C THR A 82 -2.83 -9.82 22.11
N MET A 83 -2.09 -9.72 21.01
CA MET A 83 -1.01 -8.74 20.86
C MET A 83 -1.51 -7.33 21.07
N LYS A 84 -2.61 -6.99 20.43
CA LYS A 84 -3.21 -5.66 20.55
C LYS A 84 -3.60 -5.35 21.98
N ALA A 85 -4.03 -6.38 22.71
CA ALA A 85 -4.40 -6.19 24.10
C ALA A 85 -3.18 -5.89 24.93
N VAL A 86 -2.02 -6.40 24.51
CA VAL A 86 -0.78 -6.14 25.22
C VAL A 86 -0.27 -4.76 24.87
N SER A 87 -0.57 -4.34 23.65
CA SER A 87 -0.29 -2.99 23.24
C SER A 87 -1.00 -2.04 24.18
N LEU A 88 -2.33 -2.11 24.17
CA LEU A 88 -3.19 -1.30 25.04
C LEU A 88 -2.75 -1.38 26.49
N MET A 89 -2.39 -2.58 26.91
CA MET A 89 -1.88 -2.85 28.25
C MET A 89 -0.75 -1.92 28.63
N LEU A 90 0.11 -1.60 27.67
CA LEU A 90 1.22 -0.67 27.88
C LEU A 90 0.72 0.75 28.03
N ASP A 91 -0.21 1.13 27.17
CA ASP A 91 -0.72 2.49 27.15
C ASP A 91 -1.41 2.78 28.48
N ALA A 92 -1.98 1.74 29.08
CA ALA A 92 -2.70 1.92 30.33
C ALA A 92 -1.75 2.02 31.51
N ALA A 93 -0.46 1.88 31.26
CA ALA A 93 0.51 1.95 32.34
C ALA A 93 0.96 3.39 32.61
N GLY A 94 0.46 4.34 31.84
CA GLY A 94 0.79 5.74 32.04
C GLY A 94 0.73 6.52 30.76
N PRO A 95 0.90 7.85 30.86
CA PRO A 95 0.92 8.71 29.68
C PRO A 95 2.33 8.96 29.13
N LYS A 96 3.36 8.65 29.91
CA LYS A 96 4.72 8.82 29.44
C LYS A 96 5.31 7.47 29.01
N LEU A 97 6.36 7.52 28.18
CA LEU A 97 6.96 6.31 27.62
C LEU A 97 7.59 5.43 28.66
N GLU A 98 8.24 6.06 29.63
CA GLU A 98 8.90 5.31 30.68
C GLU A 98 7.89 4.40 31.36
N ASP A 99 6.65 4.87 31.49
CA ASP A 99 5.56 4.08 32.04
C ASP A 99 5.26 2.84 31.21
N GLY A 100 5.18 3.02 29.90
CA GLY A 100 4.86 1.92 29.01
C GLY A 100 6.02 0.98 28.92
N ILE A 101 7.21 1.54 28.83
CA ILE A 101 8.41 0.75 28.68
C ILE A 101 8.67 -0.07 29.95
N SER A 102 8.27 0.45 31.09
CA SER A 102 8.39 -0.32 32.32
C SER A 102 7.49 -1.52 32.23
N LYS A 103 6.26 -1.30 31.82
CA LYS A 103 5.28 -2.36 31.68
C LYS A 103 5.82 -3.45 30.77
N ALA A 104 6.65 -3.04 29.82
CA ALA A 104 7.28 -3.94 28.86
C ALA A 104 8.32 -4.85 29.50
N LYS A 105 9.28 -4.26 30.19
CA LYS A 105 10.30 -5.03 30.89
C LYS A 105 9.63 -5.96 31.87
N GLU A 106 8.64 -5.42 32.55
CA GLU A 106 7.81 -6.17 33.48
C GLU A 106 7.27 -7.41 32.82
N LEU A 107 6.56 -7.24 31.70
CA LEU A 107 5.98 -8.38 31.00
C LEU A 107 7.05 -9.28 30.39
N LEU A 108 8.13 -8.68 29.90
CA LEU A 108 9.20 -9.44 29.29
C LEU A 108 9.88 -10.33 30.30
N GLU A 109 9.97 -9.89 31.54
CA GLU A 109 10.55 -10.72 32.58
C GLU A 109 9.61 -11.88 32.91
N GLU A 110 8.31 -11.61 32.86
CA GLU A 110 7.32 -12.65 33.08
C GLU A 110 7.20 -13.58 31.88
N ARG A 111 8.18 -13.45 30.97
CA ARG A 111 8.47 -14.39 29.89
C ARG A 111 7.45 -14.42 28.76
N ILE A 112 6.84 -13.27 28.51
CA ILE A 112 6.00 -13.12 27.33
C ILE A 112 6.91 -13.13 26.11
N ASN A 113 6.35 -13.43 24.95
CA ASN A 113 7.11 -13.65 23.72
C ASN A 113 7.72 -12.37 23.14
N PRO A 114 9.02 -12.41 22.84
CA PRO A 114 9.70 -11.20 22.36
C PRO A 114 9.16 -10.68 21.03
N GLU A 115 8.66 -11.58 20.18
CA GLU A 115 8.09 -11.18 18.91
C GLU A 115 6.74 -10.55 19.10
N LEU A 116 6.03 -10.99 20.12
CA LEU A 116 4.77 -10.38 20.47
C LEU A 116 5.04 -8.96 20.94
N MET A 117 6.06 -8.81 21.77
CA MET A 117 6.37 -7.52 22.33
C MET A 117 6.78 -6.52 21.27
N ARG A 118 7.30 -7.00 20.15
CA ARG A 118 7.78 -6.09 19.13
C ARG A 118 6.63 -5.48 18.36
N ASP A 119 5.65 -6.31 18.02
CA ASP A 119 4.47 -5.82 17.34
C ASP A 119 3.66 -4.94 18.26
N ALA A 120 3.77 -5.22 19.55
CA ALA A 120 2.96 -4.54 20.55
C ALA A 120 3.63 -3.27 21.01
N LEU A 121 4.96 -3.30 21.14
CA LEU A 121 5.69 -2.10 21.49
C LEU A 121 5.77 -1.18 20.30
N GLY A 122 5.68 -1.75 19.11
CA GLY A 122 5.70 -0.94 17.91
C GLY A 122 4.44 -0.11 17.78
N ILE A 123 3.30 -0.74 18.01
CA ILE A 123 2.03 -0.07 17.91
C ILE A 123 1.89 0.96 19.01
N TYR A 124 2.43 0.63 20.18
CA TYR A 124 2.42 1.54 21.30
C TYR A 124 3.19 2.80 20.98
N LEU A 125 4.42 2.61 20.51
CA LEU A 125 5.32 3.73 20.21
C LEU A 125 4.77 4.61 19.12
N THR A 126 4.07 4.01 18.16
CA THR A 126 3.57 4.76 17.04
C THR A 126 2.38 5.64 17.44
N HIS A 127 1.48 5.14 18.25
CA HIS A 127 0.45 5.99 18.76
C HIS A 127 0.72 6.27 20.21
N SER A 128 1.46 7.33 20.47
CA SER A 128 1.75 7.76 21.80
C SER A 128 2.05 9.19 21.63
N LYS A 129 1.29 10.04 22.28
CA LYS A 129 1.52 11.45 22.15
C LYS A 129 2.87 11.75 22.72
N ASP A 130 3.21 11.09 23.77
CA ASP A 130 4.48 11.35 24.43
C ASP A 130 5.58 10.97 23.47
N ALA A 131 5.45 9.80 22.85
CA ALA A 131 6.50 9.30 21.97
C ALA A 131 6.68 10.19 20.76
N GLN A 132 5.56 10.58 20.16
CA GLN A 132 5.59 11.42 18.99
C GLN A 132 6.32 12.72 19.29
N GLN A 133 5.86 13.42 20.33
CA GLN A 133 6.44 14.70 20.66
C GLN A 133 7.90 14.60 21.07
N ARG A 134 8.30 13.46 21.60
CA ARG A 134 9.70 13.28 21.98
C ARG A 134 10.47 12.71 20.81
N LYS A 135 9.76 12.57 19.69
CA LYS A 135 10.29 12.03 18.45
C LYS A 135 11.10 10.78 18.70
N ILE A 136 10.48 9.88 19.44
CA ILE A 136 10.95 8.52 19.61
C ILE A 136 10.05 7.63 18.79
N PHE A 137 10.64 6.79 17.96
CA PHE A 137 9.83 5.97 17.06
C PHE A 137 10.17 4.50 17.19
N PRO A 138 9.34 3.64 16.59
CA PRO A 138 9.76 2.26 16.46
C PRO A 138 11.00 2.21 15.59
N PRO A 139 11.95 1.33 15.93
CA PRO A 139 13.25 1.31 15.27
C PRO A 139 13.11 1.03 13.80
N PRO A 140 14.21 1.10 13.06
CA PRO A 140 14.15 0.62 11.68
C PRO A 140 13.98 -0.89 11.64
N LEU A 141 13.49 -1.41 10.52
CA LEU A 141 13.27 -2.83 10.36
C LEU A 141 14.58 -3.57 10.50
N LYS A 142 15.67 -2.87 10.20
CA LYS A 142 17.01 -3.43 10.30
C LYS A 142 17.32 -3.97 11.68
N ASN A 143 16.79 -3.32 12.72
CA ASN A 143 17.05 -3.72 14.10
C ASN A 143 16.32 -4.97 14.57
N HIS A 144 15.38 -5.44 13.76
CA HIS A 144 14.74 -6.71 14.05
C HIS A 144 15.80 -7.82 14.07
N PRO A 145 15.60 -8.84 14.90
CA PRO A 145 16.56 -9.93 15.03
C PRO A 145 16.87 -10.71 13.76
N PHE A 146 15.92 -10.85 12.84
CA PHE A 146 16.15 -11.66 11.64
C PHE A 146 17.23 -11.07 10.76
N PHE A 147 17.67 -9.87 11.08
CA PHE A 147 18.77 -9.21 10.36
C PHE A 147 20.08 -9.57 11.03
N SER A 148 20.14 -10.77 11.56
CA SER A 148 21.38 -11.32 12.09
C SER A 148 21.31 -12.85 11.97
N THR A 149 22.39 -13.53 12.28
CA THR A 149 22.42 -14.97 12.12
C THR A 149 22.37 -15.68 13.47
N ASN A 156 29.77 -16.37 7.51
CA ASN A 156 29.59 -16.27 6.07
C ASN A 156 28.29 -15.60 5.68
N VAL A 157 28.38 -14.69 4.73
CA VAL A 157 27.22 -13.97 4.25
C VAL A 157 26.67 -14.70 3.05
N ALA A 158 25.49 -15.26 3.18
CA ALA A 158 24.94 -15.98 2.07
C ALA A 158 24.29 -15.01 1.10
N GLY A 159 24.53 -15.23 -0.18
CA GLY A 159 23.94 -14.41 -1.19
C GLY A 159 22.70 -15.10 -1.67
N GLU A 160 22.24 -14.73 -2.84
CA GLU A 160 21.05 -15.33 -3.38
C GLU A 160 21.49 -16.30 -4.45
N ILE A 161 20.64 -17.25 -4.79
CA ILE A 161 20.95 -18.21 -5.82
C ILE A 161 20.38 -17.82 -7.19
N CYS A 162 21.22 -17.26 -8.08
CA CYS A 162 20.78 -16.95 -9.45
C CYS A 162 21.17 -18.07 -10.40
N THR A 163 20.18 -18.89 -10.73
CA THR A 163 20.37 -20.13 -11.43
C THR A 163 19.18 -20.29 -12.36
N ALA A 164 19.33 -20.94 -13.50
CA ALA A 164 18.21 -21.06 -14.42
C ALA A 164 17.09 -21.89 -13.84
N ASP A 165 17.35 -22.53 -12.72
CA ASP A 165 16.34 -23.31 -12.01
C ASP A 165 15.57 -22.47 -11.00
N THR A 166 16.03 -21.27 -10.70
CA THR A 166 15.38 -20.47 -9.68
C THR A 166 14.84 -19.13 -10.16
N LEU A 167 14.68 -18.95 -11.46
CA LEU A 167 14.24 -17.68 -11.99
C LEU A 167 12.91 -17.81 -12.70
N HIS A 168 12.30 -18.99 -12.55
CA HIS A 168 10.99 -19.28 -13.15
C HIS A 168 9.89 -18.51 -12.44
N GLY A 169 8.87 -18.12 -13.18
CA GLY A 169 7.75 -17.40 -12.60
C GLY A 169 8.07 -15.95 -12.39
N HIS A 170 7.73 -15.40 -11.23
CA HIS A 170 7.97 -14.00 -10.95
C HIS A 170 9.18 -13.80 -10.05
N ALA A 171 10.09 -14.75 -10.07
CA ALA A 171 11.23 -14.75 -9.18
C ALA A 171 12.12 -13.55 -9.46
N LEU A 172 11.98 -13.01 -10.66
CA LEU A 172 12.78 -11.90 -11.08
C LEU A 172 12.37 -10.61 -10.38
N LEU A 173 11.09 -10.51 -10.04
CA LEU A 173 10.57 -9.35 -9.31
C LEU A 173 10.96 -9.36 -7.85
N SER A 174 11.96 -10.16 -7.52
CA SER A 174 12.38 -10.32 -6.16
C SER A 174 13.03 -9.05 -5.64
N TYR A 175 13.76 -8.34 -6.49
CA TYR A 175 14.43 -7.10 -6.08
C TYR A 175 13.40 -6.10 -5.59
N TRP A 176 12.22 -6.17 -6.17
CA TRP A 176 11.14 -5.28 -5.83
C TRP A 176 10.48 -5.74 -4.52
N ARG A 177 10.13 -7.01 -4.45
CA ARG A 177 9.47 -7.52 -3.27
C ARG A 177 10.38 -7.60 -2.05
N ASP A 178 11.67 -7.79 -2.27
CA ASP A 178 12.62 -7.85 -1.15
C ASP A 178 13.19 -6.48 -0.76
N ASP A 179 12.99 -5.49 -1.62
CA ASP A 179 13.55 -4.15 -1.44
C ASP A 179 13.41 -3.69 -0.02
N TYR A 180 14.49 -3.16 0.57
CA TYR A 180 14.48 -2.89 2.01
C TYR A 180 13.56 -1.75 2.37
N ASP A 181 13.42 -0.77 1.52
CA ASP A 181 12.68 0.41 1.89
C ASP A 181 11.20 0.16 1.70
N LEU A 182 10.87 -0.77 0.83
CA LEU A 182 9.49 -1.16 0.67
C LEU A 182 9.07 -1.92 1.90
N ASN A 183 9.96 -2.76 2.40
CA ASN A 183 9.63 -3.57 3.55
C ASN A 183 9.55 -2.81 4.83
N ASP A 184 10.36 -1.78 4.97
CA ASP A 184 10.32 -0.94 6.16
C ASP A 184 9.08 -0.09 6.10
N SER A 185 8.81 0.45 4.91
CA SER A 185 7.62 1.24 4.71
C SER A 185 6.40 0.47 5.18
N HIS A 186 6.18 -0.71 4.58
CA HIS A 186 4.98 -1.50 4.83
C HIS A 186 4.97 -2.03 6.27
N TYR A 187 6.15 -2.32 6.81
CA TYR A 187 6.27 -2.77 8.19
C TYR A 187 5.75 -1.72 9.15
N TYR A 188 6.11 -0.47 8.91
CA TYR A 188 5.65 0.62 9.74
C TYR A 188 4.19 0.94 9.42
N TRP A 189 3.77 0.67 8.19
CA TRP A 189 2.41 0.97 7.76
C TRP A 189 1.39 0.27 8.63
N HIS A 190 1.59 -1.03 8.83
CA HIS A 190 0.63 -1.80 9.61
C HIS A 190 0.78 -1.52 11.10
N MET A 191 1.75 -0.69 11.48
CA MET A 191 1.82 -0.22 12.84
C MET A 191 0.95 1.00 13.01
N VAL A 192 0.71 1.70 11.91
CA VAL A 192 -0.17 2.84 11.98
C VAL A 192 -1.60 2.33 11.95
N TYR A 193 -1.87 1.43 11.02
CA TYR A 193 -3.23 0.95 10.78
C TYR A 193 -3.44 -0.41 11.44
N ASP A 208 -11.77 8.35 9.92
CA ASP A 208 -12.95 7.63 9.47
C ASP A 208 -12.60 6.55 8.45
N ARG A 209 -11.73 6.87 7.51
CA ARG A 209 -11.48 6.01 6.35
C ARG A 209 -10.48 4.88 6.46
N HIS A 210 -10.72 3.95 7.35
CA HIS A 210 -9.72 2.93 7.58
C HIS A 210 -9.80 1.78 6.64
N GLY A 211 -11.00 1.45 6.23
CA GLY A 211 -11.25 0.45 5.22
C GLY A 211 -10.77 0.97 3.89
N GLU A 212 -11.11 2.21 3.59
CA GLU A 212 -10.80 2.80 2.29
C GLU A 212 -9.32 2.91 2.07
N VAL A 213 -8.56 3.14 3.13
CA VAL A 213 -7.12 3.26 3.04
C VAL A 213 -6.47 1.90 2.86
N PHE A 214 -6.92 0.93 3.65
CA PHE A 214 -6.42 -0.43 3.53
C PHE A 214 -6.58 -0.89 2.11
N LEU A 215 -7.77 -0.71 1.56
CA LEU A 215 -8.08 -1.22 0.24
C LEU A 215 -7.35 -0.47 -0.84
N TYR A 216 -7.11 0.82 -0.63
CA TYR A 216 -6.52 1.64 -1.67
C TYR A 216 -5.03 1.38 -1.72
N VAL A 217 -4.40 1.45 -0.56
CA VAL A 217 -2.97 1.23 -0.43
C VAL A 217 -2.57 -0.09 -1.05
N HIS A 218 -3.32 -1.13 -0.79
CA HIS A 218 -2.94 -2.46 -1.22
C HIS A 218 -3.30 -2.66 -2.67
N SER A 219 -4.39 -2.05 -3.13
CA SER A 219 -4.70 -2.08 -4.55
C SER A 219 -3.64 -1.35 -5.31
N GLN A 220 -3.03 -0.36 -4.68
CA GLN A 220 -2.16 0.53 -5.41
C GLN A 220 -0.78 -0.11 -5.55
N MET A 221 -0.32 -0.81 -4.53
CA MET A 221 0.95 -1.50 -4.66
C MET A 221 0.76 -2.80 -5.44
N VAL A 222 -0.47 -3.15 -5.76
CA VAL A 222 -0.71 -4.24 -6.71
C VAL A 222 -0.54 -3.73 -8.12
N ALA A 223 -1.07 -2.55 -8.38
CA ALA A 223 -0.99 -1.96 -9.69
C ALA A 223 0.45 -1.75 -10.09
N ARG A 224 1.29 -1.42 -9.12
CA ARG A 224 2.69 -1.15 -9.38
C ARG A 224 3.46 -2.42 -9.67
N TYR A 225 3.05 -3.47 -8.99
CA TYR A 225 3.69 -4.77 -9.09
C TYR A 225 3.33 -5.46 -10.39
N GLU A 226 2.10 -5.25 -10.82
CA GLU A 226 1.69 -5.74 -12.12
C GLU A 226 2.38 -4.99 -13.23
N THR A 227 2.57 -3.70 -13.04
CA THR A 227 3.23 -2.89 -14.06
C THR A 227 4.70 -3.31 -14.15
N GLU A 228 5.35 -3.40 -13.00
CA GLU A 228 6.72 -3.90 -12.92
C GLU A 228 6.86 -5.28 -13.54
N SER A 229 5.80 -6.05 -13.44
CA SER A 229 5.76 -7.37 -14.04
C SER A 229 5.81 -7.26 -15.56
N LEU A 230 4.96 -6.41 -16.12
CA LEU A 230 4.89 -6.13 -17.54
C LEU A 230 6.18 -5.57 -18.11
N CYS A 231 6.96 -4.93 -17.26
CA CYS A 231 8.16 -4.25 -17.71
C CYS A 231 9.23 -5.24 -18.15
N TRP A 232 9.29 -6.39 -17.48
CA TRP A 232 10.21 -7.44 -17.88
C TRP A 232 9.49 -8.45 -18.76
N SER A 233 8.30 -8.09 -19.20
CA SER A 233 7.47 -8.96 -20.02
C SER A 233 7.14 -10.28 -19.33
N LEU A 234 6.95 -10.24 -18.02
CA LEU A 234 6.47 -11.40 -17.30
C LEU A 234 4.95 -11.45 -17.35
N PRO A 235 4.38 -12.65 -17.18
CA PRO A 235 2.92 -12.73 -17.32
C PRO A 235 2.22 -11.91 -16.25
N LEU A 236 0.99 -11.48 -16.56
CA LEU A 236 0.22 -10.72 -15.60
C LEU A 236 -0.12 -11.60 -14.42
N VAL A 237 -0.24 -11.02 -13.24
CA VAL A 237 -0.48 -11.80 -12.04
C VAL A 237 -1.89 -12.36 -12.01
N ARG A 238 -2.02 -13.64 -11.70
CA ARG A 238 -3.31 -14.30 -11.62
C ARG A 238 -3.83 -14.15 -10.22
N PRO A 239 -4.98 -13.49 -10.05
CA PRO A 239 -5.49 -13.24 -8.73
C PRO A 239 -5.81 -14.52 -7.99
N TRP A 240 -5.75 -14.48 -6.67
CA TRP A 240 -6.13 -15.59 -5.82
C TRP A 240 -7.63 -15.58 -5.64
N ASN A 241 -8.35 -15.76 -6.73
CA ASN A 241 -9.78 -15.65 -6.67
C ASN A 241 -10.43 -16.99 -6.46
N GLN A 242 -9.72 -18.03 -6.89
CA GLN A 242 -10.14 -19.39 -6.64
C GLN A 242 -9.26 -19.90 -5.52
N TYR A 243 -9.87 -20.35 -4.43
CA TYR A 243 -9.09 -20.65 -3.25
C TYR A 243 -8.52 -22.07 -3.26
N ASP A 244 -8.78 -22.81 -4.32
CA ASP A 244 -8.25 -24.14 -4.46
C ASP A 244 -7.13 -24.12 -5.50
N ASP A 245 -6.57 -22.96 -5.67
CA ASP A 245 -5.60 -22.71 -6.70
C ASP A 245 -4.24 -23.17 -6.20
N PHE A 246 -3.34 -23.42 -7.13
CA PHE A 246 -1.98 -23.80 -6.81
C PHE A 246 -1.07 -22.59 -6.79
N LEU A 247 -0.04 -22.65 -5.96
CA LEU A 247 1.06 -21.73 -6.07
C LEU A 247 2.15 -22.45 -6.85
N GLU A 248 2.09 -22.35 -8.16
CA GLU A 248 2.85 -23.22 -9.03
C GLU A 248 4.33 -22.93 -9.11
N ASN A 249 4.79 -21.91 -8.42
CA ASN A 249 6.18 -21.51 -8.54
C ASN A 249 6.99 -21.82 -7.31
N GLY A 250 6.38 -21.62 -6.16
CA GLY A 250 7.06 -21.87 -4.92
C GLY A 250 7.71 -20.60 -4.49
N TYR A 251 8.34 -20.62 -3.34
CA TYR A 251 8.96 -19.44 -2.84
C TYR A 251 10.04 -19.83 -1.89
N ALA A 252 11.19 -19.18 -2.00
CA ALA A 252 12.31 -19.45 -1.13
C ALA A 252 12.97 -18.15 -0.75
N PRO A 253 12.83 -17.72 0.51
CA PRO A 253 13.37 -16.48 1.06
C PRO A 253 14.84 -16.33 0.74
N ILE A 254 15.38 -15.12 0.83
CA ILE A 254 16.82 -14.96 0.61
C ILE A 254 17.53 -15.74 1.70
N SER A 255 18.71 -16.24 1.36
CA SER A 255 19.35 -17.27 2.17
C SER A 255 19.67 -16.81 3.60
N SER A 256 19.58 -15.52 3.85
CA SER A 256 19.85 -15.00 5.18
C SER A 256 18.59 -15.02 6.05
N LEU A 257 17.47 -15.33 5.44
CA LEU A 257 16.20 -15.35 6.16
C LEU A 257 15.70 -16.77 6.28
N ILE A 258 16.26 -17.68 5.52
CA ILE A 258 15.71 -19.02 5.43
C ILE A 258 15.77 -19.76 6.73
N GLU A 259 16.67 -19.30 7.55
CA GLU A 259 16.87 -19.79 8.87
C GLU A 259 15.68 -19.57 9.78
N HIS A 260 15.17 -18.36 9.81
CA HIS A 260 14.15 -17.98 10.75
C HIS A 260 12.86 -18.52 10.30
N TYR A 261 12.64 -18.43 9.02
CA TYR A 261 11.47 -19.03 8.39
C TYR A 261 11.79 -19.44 6.97
N GLY A 262 10.99 -20.35 6.44
CA GLY A 262 11.25 -20.89 5.13
C GLY A 262 10.07 -20.61 4.23
N GLY A 263 10.02 -21.27 3.09
CA GLY A 263 8.98 -21.02 2.13
C GLY A 263 8.09 -22.22 1.94
N TYR A 264 7.79 -22.52 0.69
CA TYR A 264 6.97 -23.63 0.34
C TYR A 264 7.40 -24.12 -1.04
N PRO A 265 7.04 -25.36 -1.41
CA PRO A 265 7.44 -25.91 -2.71
C PRO A 265 6.47 -25.58 -3.85
N PRO A 266 6.86 -25.89 -5.09
CA PRO A 266 5.94 -25.70 -6.21
C PRO A 266 4.59 -26.38 -6.01
N PHE A 267 3.52 -25.70 -6.39
CA PHE A 267 2.16 -26.23 -6.37
C PHE A 267 1.60 -26.48 -4.97
N SER A 268 2.08 -25.74 -3.99
CA SER A 268 1.49 -25.76 -2.67
C SER A 268 0.09 -25.19 -2.75
N THR A 269 -0.79 -25.61 -1.87
CA THR A 269 -2.13 -25.04 -1.84
C THR A 269 -2.46 -24.64 -0.41
N TRP A 270 -3.64 -24.11 -0.18
CA TRP A 270 -4.12 -23.99 1.19
C TRP A 270 -4.44 -25.36 1.69
N TYR A 271 -4.32 -25.59 2.98
CA TYR A 271 -4.87 -26.82 3.50
C TYR A 271 -6.38 -26.66 3.51
N SER A 272 -7.10 -27.63 2.96
CA SER A 272 -8.57 -27.64 2.99
C SER A 272 -9.12 -27.41 4.38
N ILE A 273 -8.69 -28.23 5.33
CA ILE A 273 -9.17 -28.13 6.69
C ILE A 273 -8.10 -27.50 7.59
N ARG A 274 -6.96 -28.16 7.69
CA ARG A 274 -5.97 -27.77 8.68
C ARG A 274 -4.62 -28.33 8.30
N ASN A 275 -3.55 -27.67 8.71
CA ASN A 275 -2.22 -28.27 8.69
C ASN A 275 -2.07 -29.21 9.86
N PRO A 276 -1.95 -30.52 9.59
CA PRO A 276 -1.84 -31.56 10.61
C PRO A 276 -0.68 -31.35 11.55
N ASP A 277 0.48 -30.96 11.02
CA ASP A 277 1.68 -30.78 11.82
C ASP A 277 1.79 -29.43 12.48
N MET A 278 0.77 -28.60 12.39
CA MET A 278 0.84 -27.28 13.00
C MET A 278 -0.07 -27.19 14.20
N PRO A 279 0.53 -26.99 15.38
CA PRO A 279 -0.15 -27.01 16.68
C PRO A 279 -1.42 -26.21 16.72
N ASP A 280 -2.32 -26.60 17.62
CA ASP A 280 -3.58 -25.93 17.79
C ASP A 280 -3.37 -24.59 18.49
N THR A 281 -2.14 -24.39 18.98
CA THR A 281 -1.76 -23.18 19.71
C THR A 281 -1.38 -22.06 18.77
N LEU A 282 -0.88 -22.43 17.59
CA LEU A 282 -0.45 -21.47 16.61
C LEU A 282 -1.55 -21.12 15.66
N ASN A 283 -2.54 -22.00 15.55
CA ASN A 283 -3.50 -21.82 14.48
C ASN A 283 -4.87 -22.32 14.81
N VAL A 284 -5.84 -21.42 14.75
CA VAL A 284 -7.23 -21.78 14.86
C VAL A 284 -7.63 -22.41 13.54
N THR A 285 -8.26 -23.59 13.59
CA THR A 285 -8.67 -24.25 12.37
C THR A 285 -9.72 -23.43 11.66
N ILE A 286 -9.32 -22.84 10.54
CA ILE A 286 -10.26 -22.20 9.64
C ILE A 286 -10.18 -22.98 8.35
N PRO A 287 -11.09 -23.93 8.16
CA PRO A 287 -11.03 -24.69 6.92
C PRO A 287 -11.25 -23.80 5.72
N ARG A 288 -11.03 -24.31 4.54
CA ARG A 288 -11.13 -23.51 3.34
C ARG A 288 -12.54 -23.04 3.06
N ALA A 289 -13.51 -23.93 3.24
CA ALA A 289 -14.87 -23.65 2.83
C ALA A 289 -15.47 -22.54 3.65
N ARG A 290 -14.86 -22.21 4.77
CA ARG A 290 -15.41 -21.14 5.60
C ARG A 290 -15.03 -19.80 4.99
N LEU A 291 -13.77 -19.62 4.67
CA LEU A 291 -13.31 -18.45 3.95
C LEU A 291 -14.08 -18.27 2.68
N GLU A 292 -14.31 -19.36 1.96
CA GLU A 292 -15.04 -19.29 0.72
C GLU A 292 -16.45 -18.77 0.94
N GLU A 293 -16.96 -18.97 2.14
CA GLU A 293 -18.32 -18.55 2.41
C GLU A 293 -18.36 -17.06 2.59
N TRP A 294 -17.44 -16.54 3.39
CA TRP A 294 -17.28 -15.11 3.55
C TRP A 294 -17.13 -14.44 2.21
N ARG A 295 -16.21 -14.95 1.41
CA ARG A 295 -15.97 -14.40 0.08
C ARG A 295 -17.28 -14.25 -0.68
N ASP A 296 -17.99 -15.36 -0.82
CA ASP A 296 -19.22 -15.41 -1.58
C ASP A 296 -20.29 -14.54 -0.97
N ASN A 297 -20.11 -14.20 0.29
CA ASN A 297 -21.11 -13.44 1.01
C ASN A 297 -20.92 -11.97 0.83
N ILE A 298 -19.65 -11.58 0.80
CA ILE A 298 -19.27 -10.23 0.50
C ILE A 298 -19.51 -9.96 -0.97
N TYR A 299 -19.25 -10.95 -1.82
CA TYR A 299 -19.49 -10.75 -3.24
C TYR A 299 -20.94 -10.37 -3.46
N ALA A 300 -21.81 -11.13 -2.81
CA ALA A 300 -23.24 -11.05 -3.07
C ALA A 300 -23.89 -9.88 -2.34
N ALA A 301 -23.14 -9.25 -1.45
CA ALA A 301 -23.60 -8.04 -0.82
C ALA A 301 -23.37 -6.89 -1.77
N ILE A 302 -22.10 -6.69 -2.13
CA ILE A 302 -21.69 -5.67 -3.08
C ILE A 302 -22.64 -5.53 -4.26
N ARG A 303 -23.19 -6.65 -4.72
CA ARG A 303 -24.09 -6.63 -5.86
C ARG A 303 -25.48 -6.19 -5.45
N LYS A 304 -25.96 -6.70 -4.33
CA LYS A 304 -27.27 -6.29 -3.84
C LYS A 304 -27.26 -4.82 -3.44
N GLY A 305 -26.12 -4.35 -2.96
CA GLY A 305 -25.94 -2.96 -2.64
C GLY A 305 -25.91 -2.73 -1.16
N GLN A 306 -26.09 -3.78 -0.38
CA GLN A 306 -26.20 -3.63 1.08
C GLN A 306 -25.42 -4.65 1.87
N PHE A 307 -25.02 -4.28 3.07
CA PHE A 307 -24.46 -5.25 4.00
C PHE A 307 -25.45 -5.54 5.11
N GLU A 308 -25.83 -6.81 5.27
CA GLU A 308 -26.82 -7.18 6.26
C GLU A 308 -26.33 -6.88 7.65
N THR A 309 -27.27 -6.44 8.49
CA THR A 309 -26.98 -6.02 9.85
C THR A 309 -27.49 -7.10 10.77
N THR A 310 -27.04 -7.07 12.02
CA THR A 310 -27.55 -7.95 13.04
C THR A 310 -29.09 -7.92 13.14
N SER A 311 -29.70 -6.82 12.68
CA SER A 311 -31.15 -6.65 12.73
C SER A 311 -31.81 -6.75 11.36
N LYS A 312 -32.69 -7.73 11.22
CA LYS A 312 -33.23 -8.19 9.94
C LYS A 312 -33.63 -7.13 8.90
N ASP A 313 -34.20 -6.02 9.32
CA ASP A 313 -34.77 -5.09 8.35
C ASP A 313 -34.02 -3.77 8.24
N LYS A 314 -32.84 -3.69 8.81
CA LYS A 314 -32.07 -2.48 8.67
C LYS A 314 -30.66 -2.75 8.14
N PRO A 315 -30.56 -3.03 6.83
CA PRO A 315 -29.25 -3.26 6.22
C PRO A 315 -28.44 -1.98 6.17
N LEU A 316 -27.15 -2.08 5.90
CA LEU A 316 -26.36 -0.92 5.55
C LEU A 316 -26.31 -0.79 4.05
N VAL A 317 -26.85 0.30 3.52
CA VAL A 317 -26.89 0.49 2.09
C VAL A 317 -25.61 1.14 1.57
N LEU A 318 -25.00 0.50 0.59
CA LEU A 318 -23.81 1.05 -0.02
C LEU A 318 -24.19 2.24 -0.84
N THR A 319 -23.50 3.34 -0.60
CA THR A 319 -23.63 4.54 -1.41
C THR A 319 -22.33 4.68 -2.16
N ARG A 320 -22.32 5.49 -3.21
CA ARG A 320 -21.11 5.71 -3.98
C ARG A 320 -20.04 6.30 -3.10
N ASP A 321 -20.43 6.88 -1.98
CA ASP A 321 -19.46 7.46 -1.10
C ASP A 321 -18.96 6.50 -0.04
N ASN A 322 -19.84 5.66 0.49
CA ASN A 322 -19.42 4.79 1.58
C ASN A 322 -18.83 3.48 1.07
N CYS A 323 -19.21 3.10 -0.15
CA CYS A 323 -19.01 1.74 -0.65
C CYS A 323 -17.64 1.16 -0.41
N LEU A 324 -16.60 1.90 -0.74
CA LEU A 324 -15.26 1.34 -0.64
C LEU A 324 -14.76 1.23 0.80
N ASN A 325 -15.13 2.19 1.64
CA ASN A 325 -14.71 2.16 3.04
C ASN A 325 -15.32 0.98 3.80
N PHE A 326 -16.48 0.53 3.35
CA PHE A 326 -17.16 -0.58 3.99
C PHE A 326 -16.68 -1.92 3.44
N VAL A 327 -16.65 -2.05 2.13
CA VAL A 327 -16.07 -3.23 1.51
C VAL A 327 -14.65 -3.46 2.01
N GLY A 328 -13.82 -2.43 1.95
CA GLY A 328 -12.48 -2.53 2.46
C GLY A 328 -12.40 -2.87 3.94
N GLY A 329 -13.16 -2.17 4.77
CA GLY A 329 -13.09 -2.38 6.20
C GLY A 329 -13.56 -3.76 6.62
N ILE A 330 -14.70 -4.18 6.08
CA ILE A 330 -15.22 -5.53 6.31
C ILE A 330 -14.23 -6.59 5.85
N LEU A 331 -13.52 -6.32 4.75
CA LEU A 331 -12.48 -7.24 4.34
C LEU A 331 -11.42 -7.32 5.42
N ASP A 332 -11.25 -6.25 6.18
CA ASP A 332 -10.24 -6.23 7.23
C ASP A 332 -10.87 -6.34 8.61
N ALA A 333 -12.14 -6.71 8.66
CA ALA A 333 -12.82 -7.00 9.92
C ALA A 333 -12.66 -5.91 10.95
N GLN A 334 -12.73 -4.68 10.48
CA GLN A 334 -12.74 -3.52 11.36
C GLN A 334 -14.16 -3.15 11.64
N TYR A 335 -14.88 -4.07 12.26
CA TYR A 335 -16.28 -3.85 12.60
C TYR A 335 -16.50 -2.78 13.67
N PRO A 336 -15.66 -2.73 14.72
CA PRO A 336 -15.84 -1.64 15.67
C PRO A 336 -15.94 -0.29 14.98
N SER A 337 -14.91 0.03 14.21
CA SER A 337 -14.82 1.28 13.50
C SER A 337 -16.04 1.53 12.62
N LEU A 338 -16.39 0.56 11.77
CA LEU A 338 -17.53 0.74 10.88
C LEU A 338 -18.82 0.85 11.66
N ASN A 339 -18.95 0.08 12.74
CA ASN A 339 -20.19 0.02 13.49
C ASN A 339 -20.57 1.38 14.04
N LYS A 340 -19.58 2.23 14.25
CA LYS A 340 -19.81 3.59 14.77
C LYS A 340 -20.60 4.48 13.83
N LEU A 341 -20.90 3.98 12.63
CA LEU A 341 -21.63 4.76 11.66
C LEU A 341 -22.95 4.15 11.30
N LEU A 342 -23.42 3.20 12.09
CA LEU A 342 -24.66 2.51 11.75
C LEU A 342 -25.84 2.89 12.64
N GLY A 343 -25.62 3.89 13.48
CA GLY A 343 -26.67 4.24 14.40
C GLY A 343 -27.09 3.09 15.27
N GLY A 344 -26.11 2.43 15.84
CA GLY A 344 -26.33 1.46 16.87
C GLY A 344 -26.56 0.06 16.38
N CYS A 345 -26.66 -0.11 15.07
CA CYS A 345 -26.75 -1.43 14.50
C CYS A 345 -25.36 -2.01 14.46
N SER A 346 -25.23 -3.29 14.19
CA SER A 346 -23.93 -3.89 14.00
C SER A 346 -23.93 -4.68 12.71
N LEU A 347 -22.77 -4.80 12.10
CA LEU A 347 -22.68 -5.61 10.90
C LEU A 347 -22.61 -7.07 11.31
N ASP A 348 -23.17 -7.96 10.49
CA ASP A 348 -23.19 -9.37 10.84
C ASP A 348 -21.82 -10.01 10.65
N GLU A 349 -21.03 -10.03 11.71
CA GLU A 349 -19.69 -10.59 11.66
C GLU A 349 -19.67 -12.08 11.36
N GLU A 350 -20.79 -12.76 11.58
CA GLU A 350 -20.80 -14.19 11.30
C GLU A 350 -20.92 -14.39 9.81
N ARG A 351 -21.38 -13.35 9.10
CA ARG A 351 -21.70 -13.49 7.69
C ARG A 351 -20.53 -13.08 6.79
N TYR A 352 -19.73 -12.13 7.25
CA TYR A 352 -18.71 -11.52 6.40
C TYR A 352 -17.33 -11.76 6.96
N GLY A 353 -17.26 -12.23 8.20
CA GLY A 353 -16.04 -12.76 8.76
C GLY A 353 -14.87 -11.82 8.86
N ASN A 354 -13.68 -12.37 8.69
CA ASN A 354 -12.42 -11.61 8.69
C ASN A 354 -11.56 -12.14 7.57
N LEU A 355 -12.02 -11.97 6.34
CA LEU A 355 -11.41 -12.64 5.20
C LEU A 355 -9.93 -12.31 4.94
N HIS A 356 -9.54 -11.06 5.09
CA HIS A 356 -8.18 -10.68 4.77
C HIS A 356 -7.21 -11.34 5.75
N ASN A 357 -7.43 -11.15 7.04
CA ASN A 357 -6.46 -11.60 8.02
C ASN A 357 -6.38 -13.11 8.14
N TYR A 358 -7.51 -13.78 7.98
CA TYR A 358 -7.54 -15.23 8.03
C TYR A 358 -6.92 -15.81 6.77
N GLY A 359 -7.21 -15.18 5.65
CA GLY A 359 -6.61 -15.51 4.39
C GLY A 359 -5.10 -15.45 4.42
N LEU A 360 -4.55 -14.41 5.03
CA LEU A 360 -3.12 -14.35 5.26
C LEU A 360 -2.73 -15.47 6.17
N GLY A 361 -3.60 -15.77 7.12
CA GLY A 361 -3.36 -16.86 8.05
C GLY A 361 -3.22 -18.19 7.36
N LYS A 362 -4.00 -18.40 6.30
CA LYS A 362 -3.94 -19.66 5.57
C LYS A 362 -2.66 -19.82 4.78
N PHE A 363 -2.06 -18.71 4.34
CA PHE A 363 -0.81 -18.81 3.61
C PHE A 363 0.31 -19.19 4.55
N ALA A 364 0.34 -18.58 5.72
CA ALA A 364 1.37 -18.91 6.69
C ALA A 364 1.22 -20.37 7.08
N GLU A 365 -0.01 -20.79 7.25
CA GLU A 365 -0.31 -22.18 7.59
C GLU A 365 0.26 -23.11 6.54
N MET A 366 0.00 -22.81 5.27
CA MET A 366 0.50 -23.61 4.17
C MET A 366 2.01 -23.82 4.19
N ALA A 367 2.75 -22.81 4.61
CA ALA A 367 4.20 -22.88 4.59
C ALA A 367 4.81 -23.45 5.86
N TYR A 368 3.97 -23.89 6.80
CA TYR A 368 4.48 -24.37 8.08
C TYR A 368 4.97 -25.81 7.97
N ARG A 369 6.12 -26.08 8.57
CA ARG A 369 6.82 -27.36 8.44
C ARG A 369 7.37 -27.89 9.74
N ASN A 370 7.07 -29.14 10.05
CA ASN A 370 7.55 -29.75 11.27
C ASN A 370 8.51 -30.92 11.00
N GLY A 379 4.92 -25.63 19.54
CA GLY A 379 5.30 -25.19 18.21
C GLY A 379 6.32 -24.05 18.20
N LEU A 380 6.57 -23.48 17.03
CA LEU A 380 7.52 -22.39 16.88
C LEU A 380 6.80 -21.06 16.74
N THR A 381 7.56 -19.97 16.67
CA THR A 381 6.98 -18.65 16.53
C THR A 381 7.01 -18.20 15.08
N ILE A 382 5.93 -17.58 14.63
CA ILE A 382 5.87 -16.97 13.30
C ILE A 382 5.66 -15.48 13.38
N SER A 383 6.48 -14.70 12.70
CA SER A 383 6.27 -13.27 12.65
C SER A 383 5.63 -12.90 11.33
N ASN A 384 5.11 -11.69 11.26
CA ASN A 384 4.51 -11.20 10.03
C ASN A 384 5.57 -10.43 9.29
N PHE A 385 6.80 -10.70 9.68
CA PHE A 385 7.97 -10.16 9.02
C PHE A 385 7.97 -10.59 7.57
N GLY A 386 8.37 -9.67 6.69
CA GLY A 386 8.50 -9.99 5.27
C GLY A 386 7.28 -10.61 4.62
N ALA A 387 6.14 -9.98 4.81
CA ALA A 387 5.00 -10.33 4.00
C ALA A 387 5.22 -9.94 2.53
N PRO A 388 5.59 -8.66 2.24
CA PRO A 388 5.75 -8.28 0.83
C PRO A 388 6.70 -9.17 0.03
N ARG A 389 7.51 -9.96 0.71
CA ARG A 389 8.51 -10.74 0.02
C ARG A 389 7.88 -11.91 -0.68
N ASP A 390 6.88 -12.51 -0.04
CA ASP A 390 6.27 -13.73 -0.51
C ASP A 390 5.38 -13.50 -1.70
N PRO A 391 5.76 -14.03 -2.87
CA PRO A 391 5.01 -13.87 -4.12
C PRO A 391 3.52 -14.11 -4.00
N CYS A 392 3.11 -14.86 -2.99
CA CYS A 392 1.70 -15.22 -2.83
C CYS A 392 0.88 -14.12 -2.17
N PHE A 393 1.53 -13.21 -1.46
CA PHE A 393 0.80 -12.15 -0.82
C PHE A 393 0.38 -11.15 -1.86
N TRP A 394 1.02 -11.21 -3.02
CA TRP A 394 0.74 -10.29 -4.11
C TRP A 394 -0.33 -10.89 -4.96
N ARG A 395 -0.55 -12.18 -4.78
CA ARG A 395 -1.64 -12.82 -5.47
C ARG A 395 -2.86 -12.66 -4.62
N TRP A 396 -2.64 -12.48 -3.33
CA TRP A 396 -3.71 -12.25 -2.40
C TRP A 396 -4.21 -10.82 -2.52
N TYR A 397 -3.28 -9.85 -2.57
CA TYR A 397 -3.63 -8.45 -2.72
C TYR A 397 -4.32 -8.21 -4.04
N LYS A 398 -4.15 -9.12 -4.98
CA LYS A 398 -4.80 -8.97 -6.27
C LYS A 398 -6.26 -9.38 -6.11
N HIS A 399 -6.51 -10.36 -5.26
CA HIS A 399 -7.86 -10.77 -4.94
C HIS A 399 -8.58 -9.68 -4.16
N LEU A 400 -7.87 -9.03 -3.25
CA LEU A 400 -8.42 -7.90 -2.53
C LEU A 400 -8.86 -6.83 -3.51
N GLN A 401 -8.08 -6.66 -4.56
CA GLN A 401 -8.37 -5.64 -5.55
C GLN A 401 -9.64 -5.95 -6.31
N TYR A 402 -9.96 -7.23 -6.43
CA TYR A 402 -11.16 -7.65 -7.13
C TYR A 402 -12.39 -7.03 -6.48
N TYR A 403 -12.39 -6.94 -5.16
CA TYR A 403 -13.51 -6.35 -4.47
C TYR A 403 -13.57 -4.88 -4.80
N GLY A 404 -12.44 -4.32 -5.15
CA GLY A 404 -12.38 -2.92 -5.52
C GLY A 404 -12.99 -2.79 -6.88
N ARG A 405 -12.67 -3.74 -7.75
CA ARG A 405 -13.16 -3.69 -9.12
C ARG A 405 -14.65 -3.88 -9.20
N LEU A 406 -15.18 -4.68 -8.29
CA LEU A 406 -16.59 -4.98 -8.26
C LEU A 406 -17.38 -3.77 -7.82
N ALA A 407 -16.89 -3.11 -6.78
CA ALA A 407 -17.62 -2.02 -6.19
C ALA A 407 -17.47 -0.76 -7.01
N ALA A 408 -16.31 -0.60 -7.63
CA ALA A 408 -16.03 0.60 -8.40
C ALA A 408 -17.00 0.79 -9.55
N THR A 409 -17.37 -0.27 -10.26
CA THR A 409 -18.25 -0.09 -11.41
C THR A 409 -19.72 -0.12 -11.05
N ARG A 410 -20.03 -0.45 -9.79
CA ARG A 410 -21.40 -0.42 -9.31
C ARG A 410 -21.82 0.99 -8.93
N TYR A 411 -20.85 1.81 -8.55
CA TYR A 411 -21.07 3.16 -8.07
C TYR A 411 -20.17 4.17 -8.78
N PRO A 412 -20.49 4.49 -10.02
CA PRO A 412 -19.68 5.42 -10.78
C PRO A 412 -19.72 6.84 -10.24
N GLN A 413 -18.88 7.71 -10.77
CA GLN A 413 -18.88 9.13 -10.41
C GLN A 413 -18.74 10.01 -11.65
N ASP A 414 -19.20 11.24 -11.55
CA ASP A 414 -19.11 12.17 -12.65
C ASP A 414 -17.70 12.75 -12.66
N ILE A 415 -17.05 12.68 -13.82
CA ILE A 415 -15.65 13.06 -13.90
C ILE A 415 -15.54 14.57 -13.85
N THR A 416 -16.62 15.24 -14.22
CA THR A 416 -16.70 16.69 -14.31
C THR A 416 -17.30 17.25 -13.05
N ALA A 417 -17.63 16.38 -12.11
CA ALA A 417 -18.40 16.77 -10.95
C ALA A 417 -17.68 17.78 -10.08
N HIS A 418 -16.37 17.63 -9.97
CA HIS A 418 -15.57 18.51 -9.13
C HIS A 418 -14.44 19.15 -9.91
N ARG A 419 -14.68 19.42 -11.18
CA ARG A 419 -13.71 20.10 -12.00
C ARG A 419 -13.29 21.42 -11.37
N ALA A 420 -12.06 21.85 -11.61
CA ALA A 420 -11.62 23.19 -11.20
C ALA A 420 -11.72 24.12 -12.38
N GLU A 421 -12.22 25.32 -12.13
CA GLU A 421 -12.36 26.28 -13.20
C GLU A 421 -11.00 26.70 -13.70
N VAL A 422 -10.41 25.86 -14.55
CA VAL A 422 -9.04 26.02 -14.98
C VAL A 422 -8.78 25.19 -16.24
N VAL A 423 -7.70 25.51 -16.96
CA VAL A 423 -7.33 24.78 -18.16
C VAL A 423 -5.91 24.27 -18.09
N LEU A 424 -5.75 22.97 -18.24
CA LEU A 424 -4.46 22.34 -18.15
C LEU A 424 -3.86 22.11 -19.50
N SER A 425 -2.57 22.36 -19.62
CA SER A 425 -1.86 22.24 -20.86
C SER A 425 -0.46 21.75 -20.59
N ASN A 426 0.16 21.14 -21.60
CA ASN A 426 1.58 20.88 -21.57
C ASN A 426 2.10 20.10 -20.38
N LEU A 427 1.52 18.93 -20.16
CA LEU A 427 1.99 18.07 -19.09
C LEU A 427 3.30 17.43 -19.51
N VAL A 428 4.30 17.52 -18.64
CA VAL A 428 5.63 17.00 -18.93
C VAL A 428 6.23 16.22 -17.77
N VAL A 429 6.84 15.08 -18.04
CA VAL A 429 7.67 14.41 -17.05
C VAL A 429 9.11 14.51 -17.57
N ARG A 430 9.98 15.16 -16.81
CA ARG A 430 11.35 15.43 -17.24
C ARG A 430 12.37 14.90 -16.28
N LEU A 431 13.58 14.70 -16.75
CA LEU A 431 14.72 14.57 -15.87
C LEU A 431 15.04 15.92 -15.28
N GLN A 432 15.53 15.94 -14.05
CA GLN A 432 15.87 17.19 -13.44
C GLN A 432 17.10 17.74 -14.09
N ASP A 433 17.99 16.85 -14.49
CA ASP A 433 19.27 17.23 -15.09
C ASP A 433 19.17 17.27 -16.60
N ARG A 434 18.87 18.43 -17.14
CA ARG A 434 18.61 18.53 -18.57
C ARG A 434 19.85 18.82 -19.39
N SER A 435 21.01 18.86 -18.73
CA SER A 435 22.25 19.17 -19.42
C SER A 435 22.98 17.92 -19.85
N SER A 436 22.25 16.99 -20.45
CA SER A 436 22.86 15.81 -21.08
C SER A 436 22.53 15.68 -22.57
N PRO A 437 22.57 16.78 -23.34
CA PRO A 437 22.12 16.62 -24.74
C PRO A 437 23.02 15.69 -25.53
N HIS A 438 22.43 14.81 -26.33
CA HIS A 438 20.99 14.81 -26.62
C HIS A 438 20.11 14.26 -25.51
N TYR A 439 19.33 15.17 -24.95
CA TYR A 439 18.34 14.88 -23.94
C TYR A 439 16.99 15.18 -24.56
N LEU A 440 15.91 14.67 -23.99
CA LEU A 440 14.58 15.08 -24.43
C LEU A 440 13.55 15.10 -23.30
N ASP A 441 12.60 16.02 -23.40
CA ASP A 441 11.41 15.98 -22.57
C ASP A 441 10.72 14.64 -22.73
N GLY A 442 10.26 14.07 -21.63
CA GLY A 442 9.47 12.85 -21.68
C GLY A 442 10.29 11.59 -21.88
N HIS A 443 11.58 11.68 -21.57
CA HIS A 443 12.44 10.52 -21.61
C HIS A 443 13.23 10.47 -20.32
N ILE A 444 12.71 9.72 -19.35
CA ILE A 444 13.38 9.57 -18.08
C ILE A 444 14.03 8.19 -17.94
N THR A 445 14.60 7.92 -16.78
CA THR A 445 15.55 6.84 -16.65
C THR A 445 15.60 6.25 -15.26
N THR A 446 15.51 4.93 -15.21
CA THR A 446 15.72 4.17 -13.99
C THR A 446 16.99 3.35 -14.10
N PHE A 447 17.53 2.91 -12.99
CA PHE A 447 18.70 2.05 -13.02
C PHE A 447 18.60 0.89 -12.03
N LEU A 448 19.27 -0.21 -12.32
CA LEU A 448 19.32 -1.34 -11.39
C LEU A 448 20.74 -1.57 -10.93
N GLY A 449 20.99 -1.28 -9.66
CA GLY A 449 22.29 -1.47 -9.09
C GLY A 449 22.25 -2.65 -8.16
N PRO A 450 23.36 -2.87 -7.44
CA PRO A 450 23.55 -4.00 -6.53
C PRO A 450 22.62 -3.99 -5.32
N PRO A 451 22.15 -5.16 -4.89
CA PRO A 451 21.38 -5.29 -3.67
C PRO A 451 22.21 -5.21 -2.43
N ALA A 452 21.74 -4.50 -1.42
CA ALA A 452 22.36 -4.53 -0.12
C ALA A 452 21.98 -5.82 0.58
N VAL A 453 22.87 -6.79 0.53
CA VAL A 453 22.58 -8.11 1.06
C VAL A 453 22.39 -8.07 2.57
N ASN A 454 23.10 -7.18 3.24
CA ASN A 454 22.95 -7.07 4.68
C ASN A 454 21.65 -6.37 5.09
N PHE A 455 20.88 -5.93 4.11
CA PHE A 455 19.57 -5.37 4.36
C PHE A 455 18.49 -6.30 3.79
N MET A 456 18.85 -7.57 3.64
CA MET A 456 17.97 -8.59 3.12
C MET A 456 17.38 -8.31 1.73
N GLU A 457 18.16 -7.74 0.83
CA GLU A 457 17.71 -7.48 -0.54
C GLU A 457 18.27 -8.50 -1.50
N SER A 458 17.57 -8.72 -2.60
CA SER A 458 18.00 -9.71 -3.57
C SER A 458 17.96 -9.22 -4.97
N LYS A 459 18.91 -9.64 -5.77
CA LYS A 459 18.89 -9.39 -7.18
C LYS A 459 19.21 -7.97 -7.69
N ALA A 460 18.65 -6.98 -7.05
CA ALA A 460 18.99 -5.61 -7.36
C ALA A 460 18.47 -4.65 -6.37
N LYS A 461 18.87 -3.43 -6.56
CA LYS A 461 18.30 -2.31 -5.81
C LYS A 461 17.91 -1.19 -6.77
N LEU A 462 16.63 -1.13 -7.09
CA LEU A 462 16.12 -0.17 -8.05
C LEU A 462 16.35 1.25 -7.59
N GLY A 463 16.39 2.16 -8.55
CA GLY A 463 16.55 3.57 -8.30
C GLY A 463 16.18 4.26 -9.59
N HIS A 464 16.21 5.58 -9.59
CA HIS A 464 15.89 6.32 -10.77
C HIS A 464 16.62 7.64 -10.76
N GLU A 465 17.04 8.12 -11.92
CA GLU A 465 17.60 9.44 -11.99
C GLU A 465 16.49 10.40 -11.59
N PRO A 466 16.83 11.50 -10.90
CA PRO A 466 15.83 12.42 -10.38
C PRO A 466 14.90 12.99 -11.44
N TYR A 467 13.59 12.88 -11.22
CA TYR A 467 12.61 13.39 -12.19
C TYR A 467 11.82 14.56 -11.64
N GLU A 468 11.03 15.16 -12.51
CA GLU A 468 10.15 16.23 -12.12
C GLU A 468 9.01 16.21 -13.08
N TRP A 469 7.87 16.74 -12.69
CA TRP A 469 6.82 16.92 -13.65
C TRP A 469 6.37 18.34 -13.56
N ASN A 470 5.87 18.84 -14.68
CA ASN A 470 5.23 20.12 -14.65
C ASN A 470 4.09 20.15 -15.62
N VAL A 471 3.21 21.10 -15.38
CA VAL A 471 2.02 21.30 -16.17
C VAL A 471 1.77 22.78 -16.14
N GLN A 472 1.12 23.30 -17.18
CA GLN A 472 0.73 24.68 -17.21
C GLN A 472 -0.72 24.79 -16.77
N VAL A 473 -0.99 25.77 -15.92
CA VAL A 473 -2.31 25.98 -15.35
C VAL A 473 -2.75 27.43 -15.58
N LYS A 474 -3.86 27.62 -16.27
CA LYS A 474 -4.37 28.96 -16.53
C LYS A 474 -5.85 29.00 -16.23
N SER A 475 -6.31 30.03 -15.53
CA SER A 475 -7.69 30.12 -15.07
C SER A 475 -8.83 30.42 -16.00
N CYS A 476 -9.99 30.08 -15.50
CA CYS A 476 -11.21 29.94 -16.25
C CYS A 476 -12.37 30.69 -15.64
N ARG A 477 -12.14 31.15 -14.43
CA ARG A 477 -13.16 31.73 -13.59
C ARG A 477 -13.71 33.05 -14.09
N ARG A 478 -14.99 33.25 -13.83
CA ARG A 478 -15.64 34.44 -14.24
C ARG A 478 -14.98 35.56 -13.55
N SER A 479 -14.65 35.33 -12.30
CA SER A 479 -14.02 36.34 -11.53
C SER A 479 -12.59 35.99 -11.53
N PRO A 480 -11.78 36.81 -12.27
CA PRO A 480 -10.36 36.43 -12.30
C PRO A 480 -9.68 36.39 -10.97
N PRO A 481 -8.83 35.42 -10.80
CA PRO A 481 -8.04 35.22 -9.58
C PRO A 481 -7.19 36.43 -9.26
N SER A 482 -7.25 36.85 -8.00
CA SER A 482 -6.54 38.04 -7.53
C SER A 482 -5.94 37.77 -6.18
N LYS A 483 -4.93 38.56 -5.81
CA LYS A 483 -4.26 38.42 -4.52
C LYS A 483 -5.28 38.44 -3.38
N GLU A 484 -6.41 39.07 -3.67
CA GLU A 484 -7.47 39.25 -2.69
C GLU A 484 -8.41 38.06 -2.67
N ASN A 485 -8.50 37.35 -3.78
CA ASN A 485 -9.44 36.25 -3.89
C ASN A 485 -8.88 35.10 -4.72
N PRO A 486 -7.96 34.34 -4.15
CA PRO A 486 -7.32 33.28 -4.89
C PRO A 486 -8.24 32.16 -5.30
N GLN A 487 -8.05 31.74 -6.54
CA GLN A 487 -8.46 30.43 -7.00
C GLN A 487 -7.53 29.37 -6.42
N THR A 488 -8.08 28.40 -5.71
CA THR A 488 -7.26 27.35 -5.13
C THR A 488 -7.73 26.01 -5.60
N LEU A 489 -6.86 25.30 -6.32
CA LEU A 489 -7.21 24.01 -6.88
C LEU A 489 -6.19 22.97 -6.51
N THR A 490 -6.48 21.73 -6.85
CA THR A 490 -5.56 20.63 -6.59
C THR A 490 -5.24 19.87 -7.85
N LEU A 491 -3.96 19.59 -8.06
CA LEU A 491 -3.54 18.83 -9.21
C LEU A 491 -3.20 17.39 -8.82
N ARG A 492 -3.78 16.44 -9.55
CA ARG A 492 -3.64 15.01 -9.26
C ARG A 492 -2.89 14.29 -10.36
N LEU A 493 -1.69 13.81 -10.04
CA LEU A 493 -0.86 13.14 -11.04
C LEU A 493 -0.86 11.61 -10.95
N PHE A 494 -1.31 10.98 -12.02
CA PHE A 494 -1.34 9.53 -12.18
C PHE A 494 -0.54 9.12 -13.40
N ILE A 495 0.07 7.93 -13.39
CA ILE A 495 0.62 7.33 -14.61
C ILE A 495 0.09 5.94 -14.83
N ALA A 496 0.18 5.48 -16.07
CA ALA A 496 -0.23 4.13 -16.43
C ALA A 496 0.60 3.61 -17.60
N ALA A 497 0.85 2.31 -17.61
CA ALA A 497 1.47 1.69 -18.77
C ALA A 497 0.48 1.77 -19.90
N GLU A 498 0.92 2.28 -21.04
CA GLU A 498 0.06 2.49 -22.18
C GLU A 498 -0.82 1.28 -22.46
N ASP A 499 -0.32 0.12 -22.12
CA ASP A 499 -1.04 -1.12 -22.37
C ASP A 499 -2.20 -1.26 -21.42
N LEU A 500 -2.01 -0.82 -20.19
CA LEU A 500 -3.00 -1.04 -19.14
C LEU A 500 -3.81 0.19 -18.88
N MET A 501 -3.93 1.01 -19.90
CA MET A 501 -4.39 2.38 -19.75
C MET A 501 -5.88 2.47 -19.55
N ASN A 502 -6.61 1.56 -20.19
CA ASN A 502 -8.05 1.63 -20.19
C ASN A 502 -8.67 0.87 -19.03
N ASP A 503 -7.84 0.56 -18.05
CA ASP A 503 -8.29 -0.03 -16.82
C ASP A 503 -8.14 0.96 -15.69
N TYR A 504 -9.22 1.31 -15.01
CA TYR A 504 -9.17 2.31 -13.96
C TYR A 504 -8.14 1.99 -12.92
N HIS A 505 -7.95 0.71 -12.67
CA HIS A 505 -7.26 0.31 -11.45
C HIS A 505 -5.77 0.11 -11.64
N SER A 506 -5.25 0.41 -12.83
CA SER A 506 -3.84 0.24 -13.09
C SER A 506 -3.14 1.57 -13.03
N TRP A 507 -3.90 2.65 -12.99
CA TRP A 507 -3.29 3.94 -12.87
C TRP A 507 -2.67 4.12 -11.50
N ILE A 508 -1.40 4.50 -11.52
CA ILE A 508 -0.59 4.68 -10.32
C ILE A 508 -0.47 6.14 -9.92
N GLU A 509 -0.90 6.46 -8.71
CA GLU A 509 -0.86 7.82 -8.22
C GLU A 509 0.56 8.28 -7.95
N MET A 510 0.90 9.45 -8.46
CA MET A 510 2.29 9.92 -8.40
C MET A 510 2.43 11.21 -7.63
N ASP A 511 1.40 12.04 -7.62
CA ASP A 511 1.45 13.28 -6.85
C ASP A 511 0.07 13.85 -6.58
N ARG A 512 -0.01 14.62 -5.51
CA ARG A 512 -1.17 15.45 -5.22
C ARG A 512 -0.65 16.79 -4.78
N ALA A 513 -0.90 17.82 -5.56
CA ALA A 513 -0.31 19.11 -5.26
C ALA A 513 -1.32 20.23 -5.32
N THR A 514 -1.25 21.11 -4.32
CA THR A 514 -2.09 22.29 -4.24
C THR A 514 -1.52 23.42 -5.02
N VAL A 515 -2.33 24.00 -5.90
CA VAL A 515 -1.95 25.20 -6.62
C VAL A 515 -2.88 26.34 -6.24
N GLN A 516 -2.31 27.51 -5.99
CA GLN A 516 -3.07 28.73 -5.76
C GLN A 516 -2.75 29.82 -6.78
N LEU A 517 -3.76 30.28 -7.51
CA LEU A 517 -3.55 31.28 -8.56
C LEU A 517 -3.92 32.68 -8.10
N THR A 518 -3.11 33.67 -8.47
CA THR A 518 -3.43 35.05 -8.12
C THR A 518 -3.53 35.97 -9.34
N ASP A 519 -3.29 35.43 -10.54
CA ASP A 519 -3.39 36.20 -11.77
C ASP A 519 -4.42 35.62 -12.72
N GLU A 520 -4.62 36.30 -13.83
CA GLU A 520 -5.38 35.76 -14.93
C GLU A 520 -4.46 34.95 -15.81
N SER A 521 -3.17 35.03 -15.54
CA SER A 521 -2.18 34.45 -16.44
C SER A 521 -1.82 33.03 -16.09
N ALA A 522 -1.16 32.38 -17.03
CA ALA A 522 -0.78 31.00 -16.90
C ALA A 522 0.45 30.87 -16.05
N ILE A 523 0.60 29.73 -15.42
CA ILE A 523 1.82 29.46 -14.69
C ILE A 523 2.32 28.11 -15.14
N THR A 524 3.54 27.79 -14.77
CA THR A 524 4.04 26.45 -14.97
C THR A 524 4.36 25.91 -13.59
N LYS A 525 3.57 24.95 -13.12
CA LYS A 525 3.77 24.37 -11.80
C LYS A 525 4.79 23.29 -11.91
N VAL A 526 5.82 23.34 -11.08
CA VAL A 526 6.85 22.33 -11.09
C VAL A 526 6.83 21.52 -9.79
N ARG A 527 6.83 20.20 -9.91
CA ARG A 527 6.96 19.32 -8.75
C ARG A 527 8.16 18.40 -8.91
N LEU A 528 9.00 18.37 -7.89
CA LEU A 528 10.11 17.45 -7.88
C LEU A 528 9.67 16.05 -7.45
N ASP A 529 10.44 15.04 -7.84
CA ASP A 529 10.16 13.70 -7.41
C ASP A 529 10.18 13.64 -5.90
N THR A 530 11.21 14.23 -5.29
CA THR A 530 11.39 14.16 -3.85
C THR A 530 10.33 14.90 -3.02
N ASP A 531 9.36 15.51 -3.68
CA ASP A 531 8.39 16.31 -2.98
C ASP A 531 7.02 15.66 -3.08
N SER A 532 6.97 14.53 -3.76
CA SER A 532 5.71 13.84 -4.02
C SER A 532 4.93 13.60 -2.76
N SER A 533 3.62 13.72 -2.86
CA SER A 533 2.76 13.50 -1.72
C SER A 533 2.59 12.02 -1.45
N VAL A 534 3.16 11.21 -2.33
CA VAL A 534 3.01 9.77 -2.30
C VAL A 534 4.28 9.15 -1.73
N ALA A 535 5.36 9.90 -1.78
CA ALA A 535 6.67 9.33 -1.54
C ALA A 535 7.10 9.37 -0.10
N ARG A 536 7.84 8.37 0.33
CA ARG A 536 8.34 8.35 1.68
C ARG A 536 9.58 9.20 1.68
N LYS A 537 9.67 10.13 2.63
CA LYS A 537 10.70 11.15 2.57
C LYS A 537 11.98 10.74 3.23
N MET A 538 12.68 9.80 2.61
CA MET A 538 13.96 9.33 3.10
C MET A 538 14.83 8.95 1.91
N GLY A 539 16.12 8.77 2.16
CA GLY A 539 16.99 8.25 1.14
C GLY A 539 17.00 6.74 1.29
N ASN A 540 17.85 6.06 0.55
CA ASN A 540 17.89 4.61 0.61
C ASN A 540 18.27 4.12 2.00
N TYR A 541 17.58 3.09 2.44
CA TYR A 541 17.86 2.44 3.71
C TYR A 541 17.56 3.34 4.89
N GLY A 542 16.49 4.11 4.77
CA GLY A 542 15.92 4.81 5.90
C GLY A 542 16.71 5.99 6.37
N GLU A 543 17.71 6.35 5.57
CA GLU A 543 18.46 7.57 5.78
C GLU A 543 17.57 8.77 5.56
N PRO A 544 17.58 9.73 6.50
CA PRO A 544 16.55 10.76 6.57
C PRO A 544 16.79 11.94 5.64
N ASP A 545 15.70 12.64 5.32
CA ASP A 545 15.72 13.84 4.50
C ASP A 545 15.70 15.05 5.41
N PRO A 546 16.77 15.84 5.37
CA PRO A 546 16.82 17.10 6.11
C PRO A 546 15.58 17.93 5.83
N ARG A 547 15.30 18.16 4.54
CA ARG A 547 14.18 18.98 4.11
C ARG A 547 12.86 18.53 4.73
N TYR A 548 12.78 17.27 5.10
CA TYR A 548 11.52 16.72 5.59
C TYR A 548 11.65 16.09 6.96
N ALA A 549 12.27 16.80 7.88
CA ALA A 549 12.46 16.31 9.21
C ALA A 549 11.12 16.08 9.83
N SER A 550 10.21 16.96 9.53
CA SER A 550 8.88 16.82 10.04
C SER A 550 8.08 15.67 9.51
N ALA A 551 8.01 15.52 8.19
CA ALA A 551 6.98 14.69 7.62
C ALA A 551 7.38 13.26 7.43
N VAL A 552 8.48 13.03 6.76
CA VAL A 552 9.04 11.70 6.67
C VAL A 552 8.14 10.74 5.91
N PHE A 553 6.95 10.53 6.42
CA PHE A 553 6.03 9.61 5.80
C PHE A 553 6.64 8.23 5.72
N ARG A 554 7.28 7.84 6.79
CA ARG A 554 8.04 6.59 6.80
C ARG A 554 7.32 5.46 6.10
N HIS A 555 6.00 5.51 6.09
CA HIS A 555 5.18 4.50 5.45
C HIS A 555 4.67 4.99 4.12
N GLY A 556 5.47 5.82 3.48
CA GLY A 556 5.17 6.26 2.14
C GLY A 556 5.70 5.27 1.14
N TRP A 557 5.43 5.53 -0.13
CA TRP A 557 5.98 4.71 -1.18
C TRP A 557 7.43 5.11 -1.35
N PRO A 558 8.35 4.13 -1.32
CA PRO A 558 9.77 4.46 -1.38
C PRO A 558 10.10 5.33 -2.58
N GLN A 559 11.11 6.18 -2.45
CA GLN A 559 11.50 7.04 -3.52
C GLN A 559 12.08 6.24 -4.66
N ASN A 560 12.92 5.25 -4.35
CA ASN A 560 13.64 4.51 -5.36
C ASN A 560 12.72 3.67 -6.20
N LEU A 561 11.54 3.37 -5.67
CA LEU A 561 10.55 2.60 -6.39
C LEU A 561 9.42 3.45 -6.93
N MET A 562 9.64 4.75 -7.01
CA MET A 562 8.61 5.65 -7.51
C MET A 562 8.37 5.43 -8.97
N LEU A 563 9.42 5.15 -9.71
CA LEU A 563 9.28 4.98 -11.13
C LEU A 563 9.23 3.50 -11.41
N PRO A 564 8.27 3.05 -12.21
CA PRO A 564 8.31 1.69 -12.72
C PRO A 564 9.61 1.47 -13.47
N VAL A 565 10.13 0.25 -13.52
CA VAL A 565 11.49 0.05 -14.00
C VAL A 565 11.64 0.35 -15.48
N GLY A 566 10.65 0.04 -16.28
CA GLY A 566 10.72 0.28 -17.70
C GLY A 566 11.46 -0.78 -18.49
N LYS A 567 11.76 -0.47 -19.74
CA LYS A 567 12.40 -1.39 -20.63
C LYS A 567 13.61 -0.73 -21.23
N VAL A 568 14.53 -1.52 -21.77
CA VAL A 568 15.80 -0.97 -22.26
C VAL A 568 15.54 -0.10 -23.48
N GLU A 569 14.44 -0.39 -24.15
CA GLU A 569 14.07 0.27 -25.39
C GLU A 569 13.37 1.60 -25.14
N GLY A 570 12.93 1.79 -23.91
CA GLY A 570 12.10 2.93 -23.55
C GLY A 570 10.66 2.51 -23.57
N MET A 571 10.10 2.22 -22.41
CA MET A 571 8.75 1.69 -22.35
C MET A 571 7.77 2.84 -22.33
N PRO A 572 6.72 2.77 -23.15
CA PRO A 572 5.75 3.86 -23.17
C PRO A 572 4.85 3.86 -21.95
N PHE A 573 4.66 5.02 -21.36
CA PHE A 573 3.74 5.25 -20.27
C PHE A 573 2.88 6.45 -20.58
N VAL A 574 1.76 6.60 -19.90
CA VAL A 574 0.94 7.76 -20.07
C VAL A 574 0.83 8.47 -18.73
N ALA A 575 0.94 9.81 -18.76
CA ALA A 575 0.78 10.63 -17.57
C ALA A 575 -0.55 11.33 -17.63
N PHE A 576 -1.15 11.53 -16.47
CA PHE A 576 -2.50 12.06 -16.37
C PHE A 576 -2.59 13.11 -15.27
N CYS A 577 -3.05 14.30 -15.60
CA CYS A 577 -3.29 15.32 -14.59
C CYS A 577 -4.73 15.76 -14.66
N ILE A 578 -5.38 15.83 -13.50
CA ILE A 578 -6.70 16.41 -13.39
C ILE A 578 -6.66 17.54 -12.38
N ALA A 579 -7.46 18.57 -12.60
CA ALA A 579 -7.58 19.67 -11.65
C ALA A 579 -8.94 19.64 -10.97
N THR A 580 -8.95 19.59 -9.65
CA THR A 580 -10.21 19.53 -8.97
C THR A 580 -10.40 20.70 -8.01
N ASP A 581 -11.65 21.12 -7.84
CA ASP A 581 -12.01 22.04 -6.79
C ASP A 581 -12.35 21.23 -5.57
N ASP A 582 -11.50 21.21 -4.58
CA ASP A 582 -11.81 20.43 -3.44
C ASP A 582 -12.50 21.24 -2.38
N GLY A 583 -12.30 22.53 -2.36
CA GLY A 583 -12.59 23.38 -1.22
C GLY A 583 -14.05 23.24 -0.87
N ILE A 584 -14.39 23.30 0.41
CA ILE A 584 -13.50 23.74 1.46
C ILE A 584 -13.27 22.65 2.46
N PRO A 585 -12.01 22.57 3.00
CA PRO A 585 -11.86 21.56 4.03
C PRO A 585 -11.63 22.23 5.38
N PRO A 587 -9.35 18.93 6.78
CA PRO A 587 -8.71 19.04 8.09
C PRO A 587 -8.12 17.71 8.51
N ALA A 588 -6.90 17.54 8.05
CA ALA A 588 -6.23 16.27 8.12
C ALA A 588 -6.10 15.86 9.55
N PRO A 589 -6.36 14.53 9.76
CA PRO A 589 -6.41 14.16 11.18
C PRO A 589 -5.02 14.29 11.75
N ALA A 590 -4.86 14.08 13.03
CA ALA A 590 -3.56 14.11 13.67
C ALA A 590 -2.73 12.93 13.30
N PRO A 591 -1.37 13.10 13.38
CA PRO A 591 -0.58 11.88 13.21
C PRO A 591 -1.08 10.74 14.06
N PRO A 592 -0.65 9.53 13.73
CA PRO A 592 0.10 9.41 12.47
C PRO A 592 -0.82 9.24 11.25
N PHE A 593 -2.01 9.85 11.29
CA PHE A 593 -3.00 9.68 10.23
C PHE A 593 -3.19 10.91 9.34
N HIS A 594 -2.19 11.76 9.23
CA HIS A 594 -2.37 12.97 8.43
C HIS A 594 -2.30 12.69 6.93
N HIS A 595 -1.72 11.56 6.55
CA HIS A 595 -1.19 11.41 5.20
C HIS A 595 -2.15 11.04 4.09
N TYR A 596 -3.17 10.26 4.38
CA TYR A 596 -4.02 9.80 3.29
C TYR A 596 -5.29 10.62 3.19
N HIS A 597 -5.34 11.74 3.90
CA HIS A 597 -6.54 12.55 3.94
C HIS A 597 -6.83 13.20 2.60
N ASP A 598 -7.96 12.86 2.00
CA ASP A 598 -8.33 13.42 0.70
C ASP A 598 -9.85 13.57 0.52
N PRO A 599 -10.33 14.81 0.46
CA PRO A 599 -11.74 15.21 0.33
C PRO A 599 -12.48 14.52 -0.78
N ARG A 600 -11.76 13.97 -1.74
CA ARG A 600 -12.34 13.43 -2.93
C ARG A 600 -12.44 11.95 -2.93
N GLY A 601 -11.81 11.32 -1.96
CA GLY A 601 -11.62 9.89 -2.00
C GLY A 601 -10.23 9.59 -2.45
N MET A 602 -9.58 8.67 -1.78
CA MET A 602 -8.21 8.43 -2.13
C MET A 602 -8.14 7.71 -3.43
N GLY A 603 -7.28 8.20 -4.28
CA GLY A 603 -7.17 7.68 -5.61
C GLY A 603 -8.04 8.30 -6.64
N TYR A 604 -8.75 9.34 -6.28
CA TYR A 604 -9.63 9.99 -7.20
C TYR A 604 -8.76 10.53 -8.28
N PRO A 605 -9.15 10.47 -9.54
CA PRO A 605 -10.48 10.05 -9.99
C PRO A 605 -10.63 8.59 -10.40
N PHE A 606 -9.67 7.73 -10.06
CA PHE A 606 -9.66 6.39 -10.62
C PHE A 606 -10.21 5.32 -9.68
N ASN A 607 -10.76 5.77 -8.55
CA ASN A 607 -11.22 4.84 -7.52
C ASN A 607 -12.61 4.30 -7.81
N ARG A 608 -13.35 4.98 -8.67
CA ARG A 608 -14.64 4.48 -9.10
C ARG A 608 -14.80 4.66 -10.58
N ALA A 609 -15.73 3.95 -11.17
CA ALA A 609 -15.87 4.05 -12.61
C ALA A 609 -16.31 5.43 -12.98
N TRP A 610 -16.16 5.79 -14.24
CA TRP A 610 -16.61 7.11 -14.65
C TRP A 610 -17.97 6.98 -15.28
N THR A 611 -18.91 7.80 -14.80
CA THR A 611 -20.25 7.77 -15.33
C THR A 611 -20.29 8.21 -16.79
N GLN A 612 -19.19 8.78 -17.26
CA GLN A 612 -19.00 9.04 -18.68
C GLN A 612 -18.91 7.75 -19.48
N LEU A 613 -18.30 6.74 -18.89
CA LEU A 613 -18.05 5.48 -19.59
C LEU A 613 -19.10 4.43 -19.32
N THR A 614 -19.67 4.43 -18.13
CA THR A 614 -20.69 3.44 -17.84
C THR A 614 -21.93 3.79 -18.61
N GLU A 615 -22.20 5.07 -18.72
CA GLU A 615 -23.43 5.50 -19.37
C GLU A 615 -23.21 5.86 -20.83
N ASP A 616 -22.09 5.43 -21.39
CA ASP A 616 -21.79 5.70 -22.79
C ASP A 616 -22.70 4.89 -23.66
N SER A 617 -22.99 5.43 -24.84
CA SER A 617 -24.03 4.87 -25.69
C SER A 617 -23.49 4.62 -27.07
N THR A 618 -22.44 5.35 -27.42
CA THR A 618 -21.76 5.20 -28.68
C THR A 618 -20.98 3.91 -28.71
N GLY A 619 -20.11 3.73 -27.72
CA GLY A 619 -19.22 2.60 -27.62
C GLY A 619 -17.79 3.07 -27.81
N LYS A 620 -17.64 4.29 -28.31
CA LYS A 620 -16.34 4.81 -28.66
C LYS A 620 -15.58 5.31 -27.45
N ALA A 621 -16.27 5.47 -26.33
CA ALA A 621 -15.66 6.10 -25.19
C ALA A 621 -14.75 5.18 -24.41
N SER A 622 -13.69 5.75 -23.87
CA SER A 622 -12.72 5.03 -23.09
C SER A 622 -11.96 6.05 -22.27
N ILE A 623 -11.21 5.58 -21.29
CA ILE A 623 -10.36 6.46 -20.50
C ILE A 623 -9.46 7.22 -21.45
N ARG A 624 -9.01 6.52 -22.48
CA ARG A 624 -8.13 7.11 -23.46
C ARG A 624 -8.76 8.31 -24.14
N THR A 625 -9.98 8.17 -24.64
CA THR A 625 -10.61 9.20 -25.45
C THR A 625 -10.95 10.41 -24.60
N ILE A 626 -11.27 10.14 -23.35
CA ILE A 626 -11.66 11.18 -22.42
C ILE A 626 -10.46 12.01 -22.03
N ILE A 627 -9.36 11.36 -21.66
CA ILE A 627 -8.20 12.11 -21.22
C ILE A 627 -7.33 12.55 -22.37
N SER A 628 -7.88 12.56 -23.58
CA SER A 628 -7.19 13.15 -24.72
C SER A 628 -8.00 14.34 -25.23
N ASN A 629 -9.27 14.34 -24.88
CA ASN A 629 -10.18 15.43 -25.20
C ASN A 629 -9.89 16.65 -24.34
N ALA A 630 -9.09 17.57 -24.87
CA ALA A 630 -8.72 18.78 -24.15
C ALA A 630 -9.77 19.87 -24.36
N GLU A 631 -10.64 19.64 -25.33
CA GLU A 631 -11.70 20.58 -25.62
C GLU A 631 -12.88 20.37 -24.70
N LEU A 632 -13.30 19.11 -24.56
CA LEU A 632 -14.46 18.78 -23.76
C LEU A 632 -14.14 18.70 -22.28
N TYR A 633 -12.94 18.25 -21.93
CA TYR A 633 -12.52 18.17 -20.54
C TYR A 633 -11.18 18.86 -20.30
N PRO A 634 -11.15 20.21 -20.35
CA PRO A 634 -9.92 21.01 -20.29
C PRO A 634 -9.20 21.03 -18.96
N PHE A 635 -9.81 20.46 -17.93
CA PHE A 635 -9.21 20.39 -16.60
C PHE A 635 -8.48 19.06 -16.45
N ILE A 636 -8.45 18.32 -17.55
CA ILE A 636 -7.72 17.09 -17.67
C ILE A 636 -6.75 17.22 -18.85
N THR A 637 -5.47 17.00 -18.60
CA THR A 637 -4.51 16.87 -19.69
C THR A 637 -3.73 15.59 -19.53
N SER A 638 -3.35 14.98 -20.65
CA SER A 638 -2.48 13.82 -20.61
C SER A 638 -1.34 14.00 -21.57
N THR A 639 -0.27 13.25 -21.35
CA THR A 639 0.88 13.26 -22.24
C THR A 639 1.57 11.91 -22.17
N THR A 640 2.38 11.58 -23.16
CA THR A 640 3.06 10.30 -23.19
C THR A 640 4.55 10.46 -22.96
N PHE A 641 5.11 9.65 -22.05
CA PHE A 641 6.56 9.62 -21.90
C PHE A 641 7.12 8.20 -22.02
N LYS A 642 8.41 8.05 -21.87
CA LYS A 642 9.05 6.76 -21.99
C LYS A 642 9.99 6.53 -20.84
N ILE A 643 9.89 5.37 -20.18
CA ILE A 643 10.84 5.06 -19.13
C ILE A 643 11.86 4.05 -19.64
N TYR A 644 13.14 4.35 -19.37
CA TYR A 644 14.27 3.62 -19.90
C TYR A 644 15.03 2.86 -18.81
N ARG A 645 15.18 1.55 -19.01
CA ARG A 645 15.89 0.72 -18.07
C ARG A 645 17.40 0.81 -18.26
N THR A 646 18.13 0.45 -17.23
CA THR A 646 19.56 0.67 -17.18
C THR A 646 20.16 -0.14 -16.05
N THR A 647 21.36 -0.64 -16.23
CA THR A 647 22.08 -1.27 -15.15
C THR A 647 23.27 -0.43 -14.73
N LYS A 648 23.49 -0.33 -13.42
CA LYS A 648 24.63 0.36 -12.87
C LYS A 648 25.40 -0.53 -11.91
N PHE A 649 26.51 -1.10 -12.37
CA PHE A 649 27.28 -2.03 -11.58
C PHE A 649 28.04 -1.38 -10.43
ZN ZN B . -0.20 -4.73 4.02
#